data_5W1E
#
_entry.id   5W1E
#
_cell.length_a   44.134
_cell.length_b   87.924
_cell.length_c   69.915
_cell.angle_alpha   90.00
_cell.angle_beta   96.22
_cell.angle_gamma   90.00
#
_symmetry.space_group_name_H-M   'P 1 21 1'
#
loop_
_entity.id
_entity.type
_entity.pdbx_description
1 polymer 'Putative transcriptional regulator'
2 non-polymer 'SULFATE ION'
3 non-polymer 'P-HYDROXYBENZOIC ACID'
4 non-polymer GLYCEROL
5 water water
#
_entity_poly.entity_id   1
_entity_poly.type   'polypeptide(L)'
_entity_poly.pdbx_seq_one_letter_code
;GHMPAHTTHDAARDEAVAPLLRGIAVLGRLTGADGGTLSLSALERTTGLARSTVDRLTATLARMGYVRLDGRDVVLAPRL
MELGNAYLAALRLPALLSARADGLADELDESVSLAVGDRDGIRFIHQATRRRAMSLSFRIGDLLPAERTAPGPLFAAEWT
ASDWHRWRERRAADPGDHSFPAVPPREPGAPGEDFARRAAKAAADGWALDDQLIEPGLVAVSVPVRDPGTGRVACVASVV
SHTSRHTAPDLRAALLPRLRAAVAAMEDDLRAAPAPEPGPPPAGLALWTGASKQELGREFVESLARGLTVLTAFGEGRSA
LTLTQVAQATGLARATARRALLTHARAGLVAPAAGHTFTLTPRVLSLGFPPLSRTSLPEIAQPHLTALAERVHESASLAV
LADSGEEIQYTARASAARVLSARVTVGTRLPARATALGRVLLALPEVRARGYALVDEELEAGLRAIAVPVRDRTGRVVAA
LNVALHAARRTADDCVAQILPELRHTADLVETELRVAGRFCRVAVV
;
_entity_poly.pdbx_strand_id   A
#
# COMPACT_ATOMS: atom_id res chain seq x y z
N ASP A 14 -7.93 29.32 -9.39
CA ASP A 14 -9.14 28.51 -9.30
C ASP A 14 -9.18 27.39 -10.35
N GLU A 15 -8.24 27.43 -11.29
CA GLU A 15 -8.20 26.42 -12.34
C GLU A 15 -7.50 25.16 -11.84
N ALA A 16 -7.95 24.02 -12.36
CA ALA A 16 -7.38 22.74 -11.97
C ALA A 16 -5.94 22.62 -12.46
N VAL A 17 -5.13 21.91 -11.68
CA VAL A 17 -3.74 21.63 -12.05
C VAL A 17 -3.77 20.42 -12.99
N ALA A 18 -3.66 20.68 -14.30
CA ALA A 18 -3.77 19.60 -15.27
C ALA A 18 -2.74 18.50 -15.10
N PRO A 19 -1.45 18.78 -14.94
CA PRO A 19 -0.50 17.67 -14.77
C PRO A 19 -0.76 16.83 -13.53
N LEU A 20 -1.34 17.43 -12.49
CA LEU A 20 -1.69 16.64 -11.30
C LEU A 20 -2.82 15.67 -11.61
N LEU A 21 -3.86 16.14 -12.32
CA LEU A 21 -4.94 15.25 -12.74
C LEU A 21 -4.42 14.15 -13.66
N ARG A 22 -3.55 14.52 -14.61
CA ARG A 22 -3.05 13.53 -15.56
C ARG A 22 -2.16 12.51 -14.86
N GLY A 23 -1.33 12.97 -13.92
CA GLY A 23 -0.52 12.03 -13.15
C GLY A 23 -1.36 11.08 -12.34
N ILE A 24 -2.46 11.58 -11.75
CA ILE A 24 -3.39 10.72 -11.04
C ILE A 24 -3.97 9.67 -11.99
N ALA A 25 -4.31 10.08 -13.21
CA ALA A 25 -4.87 9.15 -14.18
C ALA A 25 -3.84 8.08 -14.58
N VAL A 26 -2.58 8.49 -14.74
CA VAL A 26 -1.53 7.53 -15.06
C VAL A 26 -1.38 6.49 -13.95
N LEU A 27 -1.36 6.96 -12.70
CA LEU A 27 -1.24 6.04 -11.57
C LEU A 27 -2.45 5.12 -11.49
N GLY A 28 -3.64 5.63 -11.79
CA GLY A 28 -4.83 4.79 -11.79
C GLY A 28 -4.77 3.69 -12.82
N ARG A 29 -4.29 4.01 -14.04
CA ARG A 29 -4.17 2.99 -15.07
C ARG A 29 -3.15 1.93 -14.69
N LEU A 30 -2.02 2.35 -14.11
CA LEU A 30 -1.01 1.40 -13.66
C LEU A 30 -1.56 0.50 -12.56
N THR A 31 -2.40 1.06 -11.67
CA THR A 31 -2.94 0.28 -10.56
C THR A 31 -3.88 -0.81 -11.06
N GLY A 32 -4.57 -0.57 -12.18
CA GLY A 32 -5.46 -1.56 -12.75
C GLY A 32 -4.81 -2.55 -13.69
N ALA A 33 -3.51 -2.39 -13.98
CA ALA A 33 -2.83 -3.25 -14.93
C ALA A 33 -2.17 -4.42 -14.21
N ASP A 34 -2.07 -5.54 -14.92
CA ASP A 34 -1.43 -6.72 -14.35
CA ASP A 34 -1.42 -6.73 -14.37
C ASP A 34 0.01 -6.41 -14.00
N GLY A 35 0.40 -6.83 -12.79
CA GLY A 35 1.73 -6.54 -12.30
C GLY A 35 2.00 -5.07 -12.02
N GLY A 36 0.98 -4.22 -12.06
CA GLY A 36 1.19 -2.80 -11.93
C GLY A 36 2.14 -2.24 -12.96
N THR A 37 2.12 -2.79 -14.18
CA THR A 37 3.08 -2.43 -15.22
CA THR A 37 3.08 -2.44 -15.22
C THR A 37 2.34 -2.15 -16.52
N LEU A 38 2.79 -1.08 -17.20
CA LEU A 38 2.29 -0.74 -18.52
C LEU A 38 3.45 -0.14 -19.30
N SER A 39 3.45 -0.40 -20.61
CA SER A 39 4.41 0.27 -21.47
C SER A 39 4.02 1.71 -21.68
N LEU A 40 4.98 2.52 -22.16
CA LEU A 40 4.68 3.91 -22.47
C LEU A 40 3.62 4.01 -23.56
N SER A 41 3.68 3.11 -24.54
CA SER A 41 2.64 3.09 -25.59
C SER A 41 1.29 2.72 -25.02
N ALA A 42 1.25 1.74 -24.11
CA ALA A 42 -0.02 1.37 -23.50
C ALA A 42 -0.59 2.50 -22.66
N LEU A 43 0.27 3.31 -22.04
CA LEU A 43 -0.23 4.48 -21.31
C LEU A 43 -0.83 5.51 -22.26
N GLU A 44 -0.20 5.71 -23.42
CA GLU A 44 -0.79 6.54 -24.47
C GLU A 44 -2.19 6.08 -24.81
N ARG A 45 -2.34 4.78 -25.11
CA ARG A 45 -3.62 4.26 -25.58
C ARG A 45 -4.69 4.34 -24.48
N THR A 46 -4.32 3.95 -23.25
CA THR A 46 -5.34 3.85 -22.21
C THR A 46 -5.72 5.21 -21.63
N THR A 47 -4.80 6.17 -21.61
CA THR A 47 -5.11 7.49 -21.08
C THR A 47 -5.53 8.48 -22.15
N GLY A 48 -5.20 8.23 -23.41
CA GLY A 48 -5.42 9.20 -24.45
C GLY A 48 -4.47 10.38 -24.44
N LEU A 49 -3.46 10.36 -23.56
CA LEU A 49 -2.54 11.48 -23.45
C LEU A 49 -1.46 11.39 -24.52
N ALA A 50 -0.95 12.56 -24.91
CA ALA A 50 0.14 12.60 -25.88
C ALA A 50 1.39 11.93 -25.30
N ARG A 51 2.22 11.39 -26.19
CA ARG A 51 3.41 10.68 -25.76
C ARG A 51 4.36 11.60 -25.02
N SER A 52 4.50 12.85 -25.46
CA SER A 52 5.34 13.81 -24.76
C SER A 52 4.86 14.00 -23.32
N THR A 53 3.55 14.07 -23.13
CA THR A 53 2.99 14.21 -21.78
C THR A 53 3.23 12.94 -20.96
N VAL A 54 3.02 11.77 -21.55
CA VAL A 54 3.25 10.51 -20.83
C VAL A 54 4.71 10.42 -20.40
N ASP A 55 5.64 10.82 -21.28
CA ASP A 55 7.06 10.77 -20.94
C ASP A 55 7.38 11.67 -19.75
N ARG A 56 6.87 12.90 -19.75
CA ARG A 56 7.19 13.84 -18.69
C ARG A 56 6.57 13.41 -17.36
N LEU A 57 5.31 12.98 -17.39
CA LEU A 57 4.63 12.58 -16.16
C LEU A 57 5.31 11.37 -15.52
N THR A 58 5.67 10.36 -16.33
CA THR A 58 6.29 9.17 -15.77
C THR A 58 7.71 9.44 -15.28
N ALA A 59 8.44 10.32 -15.97
CA ALA A 59 9.76 10.71 -15.48
C ALA A 59 9.66 11.44 -14.16
N THR A 60 8.63 12.27 -14.00
CA THR A 60 8.41 12.96 -12.73
C THR A 60 8.04 11.98 -11.63
N LEU A 61 7.16 11.02 -11.93
CA LEU A 61 6.81 9.99 -10.97
C LEU A 61 8.01 9.13 -10.61
N ALA A 62 8.90 8.88 -11.57
CA ALA A 62 10.09 8.09 -11.28
C ALA A 62 11.02 8.83 -10.33
N ARG A 63 11.18 10.14 -10.53
CA ARG A 63 11.99 10.95 -9.61
C ARG A 63 11.45 10.89 -8.19
N MET A 64 10.12 10.82 -8.03
CA MET A 64 9.55 10.68 -6.70
C MET A 64 9.65 9.25 -6.17
N GLY A 65 10.14 8.31 -6.96
CA GLY A 65 10.16 6.92 -6.54
C GLY A 65 8.81 6.24 -6.55
N TYR A 66 7.81 6.83 -7.21
CA TYR A 66 6.49 6.23 -7.24
C TYR A 66 6.37 5.18 -8.34
N VAL A 67 7.15 5.32 -9.42
CA VAL A 67 7.25 4.30 -10.45
C VAL A 67 8.72 4.05 -10.72
N ARG A 68 8.99 2.91 -11.35
CA ARG A 68 10.32 2.55 -11.80
C ARG A 68 10.28 2.33 -13.31
N LEU A 69 11.26 2.89 -14.02
CA LEU A 69 11.32 2.76 -15.46
C LEU A 69 12.22 1.58 -15.82
N ASP A 70 11.67 0.62 -16.57
CA ASP A 70 12.39 -0.59 -16.97
C ASP A 70 12.26 -0.70 -18.49
N GLY A 71 13.18 -0.05 -19.21
CA GLY A 71 13.09 0.02 -20.65
C GLY A 71 11.86 0.79 -21.09
N ARG A 72 10.98 0.12 -21.83
CA ARG A 72 9.73 0.72 -22.28
C ARG A 72 8.61 0.58 -21.27
N ASP A 73 8.85 -0.07 -20.13
CA ASP A 73 7.81 -0.37 -19.15
C ASP A 73 7.87 0.59 -17.98
N VAL A 74 6.69 0.91 -17.44
CA VAL A 74 6.54 1.73 -16.24
C VAL A 74 5.93 0.86 -15.16
N VAL A 75 6.60 0.75 -14.02
CA VAL A 75 6.25 -0.18 -12.95
C VAL A 75 5.99 0.60 -11.68
N LEU A 76 4.83 0.35 -11.04
CA LEU A 76 4.56 0.91 -9.73
C LEU A 76 5.66 0.52 -8.74
N ALA A 77 6.05 1.45 -7.88
CA ALA A 77 7.16 1.26 -6.97
C ALA A 77 6.72 1.45 -5.52
N PRO A 78 7.37 0.79 -4.56
CA PRO A 78 6.84 0.75 -3.19
C PRO A 78 6.67 2.10 -2.51
N ARG A 79 7.54 3.09 -2.80
CA ARG A 79 7.42 4.36 -2.10
C ARG A 79 6.11 5.08 -2.39
N LEU A 80 5.42 4.72 -3.48
CA LEU A 80 4.09 5.26 -3.75
C LEU A 80 3.11 4.95 -2.61
N MET A 81 3.36 3.89 -1.85
CA MET A 81 2.46 3.53 -0.76
C MET A 81 2.39 4.58 0.34
N GLU A 82 3.30 5.57 0.34
CA GLU A 82 3.22 6.63 1.32
C GLU A 82 1.98 7.50 1.13
N LEU A 83 1.38 7.49 -0.06
CA LEU A 83 0.13 8.21 -0.26
C LEU A 83 -1.01 7.49 0.45
N GLY A 84 -1.20 6.20 0.17
CA GLY A 84 -2.17 5.42 0.91
C GLY A 84 -1.90 5.37 2.40
N ASN A 85 -0.60 5.32 2.78
CA ASN A 85 -0.24 5.34 4.19
C ASN A 85 -0.78 6.58 4.88
N ALA A 86 -0.74 7.73 4.20
CA ALA A 86 -1.21 8.97 4.80
C ALA A 86 -2.69 8.88 5.17
N TYR A 87 -3.51 8.34 4.28
CA TYR A 87 -4.93 8.17 4.59
C TYR A 87 -5.12 7.18 5.73
N LEU A 88 -4.44 6.02 5.64
CA LEU A 88 -4.60 4.99 6.67
C LEU A 88 -4.14 5.49 8.02
N ALA A 89 -3.05 6.28 8.05
CA ALA A 89 -2.57 6.82 9.32
C ALA A 89 -3.53 7.87 9.88
N ALA A 90 -4.04 8.75 9.02
CA ALA A 90 -5.00 9.75 9.47
C ALA A 90 -6.30 9.10 9.93
N LEU A 91 -6.70 7.99 9.31
CA LEU A 91 -7.95 7.33 9.64
C LEU A 91 -7.91 6.72 11.04
N ARG A 92 -6.72 6.27 11.48
CA ARG A 92 -6.48 5.67 12.80
C ARG A 92 -7.10 4.28 12.95
N LEU A 93 -8.24 4.03 12.31
CA LEU A 93 -8.88 2.72 12.40
C LEU A 93 -7.95 1.55 12.08
N PRO A 94 -7.09 1.60 11.06
CA PRO A 94 -6.17 0.47 10.84
C PRO A 94 -5.27 0.18 12.02
N ALA A 95 -4.61 1.19 12.59
CA ALA A 95 -3.70 0.94 13.69
C ALA A 95 -4.45 0.46 14.93
N LEU A 96 -5.66 0.96 15.15
CA LEU A 96 -6.37 0.67 16.39
C LEU A 96 -7.08 -0.68 16.36
N LEU A 97 -7.51 -1.15 15.18
CA LEU A 97 -8.43 -2.28 15.10
C LEU A 97 -7.89 -3.50 14.34
N SER A 98 -6.75 -3.39 13.65
N SER A 98 -6.75 -3.39 13.65
CA SER A 98 -6.27 -4.49 12.83
CA SER A 98 -6.28 -4.49 12.83
C SER A 98 -5.86 -5.69 13.68
C SER A 98 -5.86 -5.69 13.67
N ALA A 99 -5.32 -5.45 14.87
CA ALA A 99 -4.89 -6.56 15.71
C ALA A 99 -6.07 -7.42 16.15
N ARG A 100 -7.18 -6.78 16.54
CA ARG A 100 -8.36 -7.54 16.93
C ARG A 100 -9.00 -8.24 15.73
N ALA A 101 -8.95 -7.63 14.56
CA ALA A 101 -9.49 -8.27 13.36
C ALA A 101 -8.67 -9.49 12.98
N ASP A 102 -7.34 -9.39 13.03
CA ASP A 102 -6.49 -10.54 12.78
C ASP A 102 -6.74 -11.64 13.80
N GLY A 103 -6.95 -11.27 15.06
CA GLY A 103 -7.18 -12.27 16.09
C GLY A 103 -8.49 -13.02 15.89
N LEU A 104 -9.52 -12.31 15.43
CA LEU A 104 -10.79 -12.97 15.16
C LEU A 104 -10.67 -13.93 13.99
N ALA A 105 -9.90 -13.56 12.96
CA ALA A 105 -9.72 -14.44 11.82
C ALA A 105 -8.99 -15.72 12.22
N ASP A 106 -7.97 -15.60 13.07
CA ASP A 106 -7.29 -16.80 13.57
C ASP A 106 -8.21 -17.64 14.44
N GLU A 107 -9.00 -16.99 15.30
CA GLU A 107 -9.90 -17.72 16.18
C GLU A 107 -10.93 -18.50 15.40
N LEU A 108 -11.57 -17.87 14.41
CA LEU A 108 -12.62 -18.52 13.64
C LEU A 108 -12.07 -19.38 12.51
N ASP A 109 -10.81 -19.21 12.14
CA ASP A 109 -10.26 -19.75 10.90
C ASP A 109 -11.15 -19.38 9.72
N GLU A 110 -11.60 -18.12 9.72
CA GLU A 110 -12.37 -17.55 8.63
C GLU A 110 -11.79 -16.19 8.26
N SER A 111 -12.19 -15.68 7.10
CA SER A 111 -11.72 -14.38 6.65
C SER A 111 -12.42 -13.26 7.41
N VAL A 112 -11.65 -12.25 7.78
CA VAL A 112 -12.16 -11.07 8.48
C VAL A 112 -11.62 -9.83 7.78
N SER A 113 -12.49 -8.85 7.53
CA SER A 113 -12.09 -7.63 6.86
C SER A 113 -12.77 -6.43 7.49
N LEU A 114 -12.14 -5.27 7.32
CA LEU A 114 -12.70 -3.98 7.69
C LEU A 114 -12.80 -3.13 6.43
N ALA A 115 -13.94 -2.47 6.27
CA ALA A 115 -14.18 -1.65 5.09
C ALA A 115 -14.75 -0.29 5.50
N VAL A 116 -14.51 0.71 4.64
CA VAL A 116 -15.11 2.03 4.80
C VAL A 116 -15.94 2.32 3.56
N GLY A 117 -16.86 3.29 3.71
CA GLY A 117 -17.62 3.75 2.56
C GLY A 117 -16.76 4.62 1.67
N ASP A 118 -16.84 4.40 0.36
CA ASP A 118 -16.09 5.18 -0.64
C ASP A 118 -17.05 5.51 -1.77
N ARG A 119 -17.87 6.53 -1.56
CA ARG A 119 -18.89 6.97 -2.52
C ARG A 119 -19.82 5.80 -2.80
N ASP A 120 -20.04 5.41 -4.05
CA ASP A 120 -20.94 4.32 -4.43
C ASP A 120 -20.33 2.95 -4.19
N GLY A 121 -19.13 2.87 -3.59
CA GLY A 121 -18.49 1.61 -3.35
C GLY A 121 -18.04 1.47 -1.90
N ILE A 122 -17.45 0.32 -1.61
CA ILE A 122 -16.76 0.09 -0.35
C ILE A 122 -15.30 -0.17 -0.66
N ARG A 123 -14.42 0.24 0.26
CA ARG A 123 -12.99 0.02 0.11
C ARG A 123 -12.43 -0.55 1.39
N PHE A 124 -11.54 -1.53 1.27
CA PHE A 124 -11.04 -2.27 2.42
C PHE A 124 -9.86 -1.56 3.04
N ILE A 125 -9.89 -1.44 4.37
CA ILE A 125 -8.76 -0.94 5.13
C ILE A 125 -8.04 -2.04 5.90
N HIS A 126 -8.58 -3.26 5.91
CA HIS A 126 -7.92 -4.38 6.55
C HIS A 126 -8.43 -5.66 5.90
N GLN A 127 -7.52 -6.63 5.76
CA GLN A 127 -7.86 -7.93 5.18
C GLN A 127 -7.07 -9.02 5.89
N ALA A 128 -7.78 -10.06 6.33
CA ALA A 128 -7.16 -11.25 6.92
C ALA A 128 -7.95 -12.45 6.41
N THR A 129 -7.44 -13.10 5.37
CA THR A 129 -8.14 -14.22 4.74
C THR A 129 -7.70 -15.55 5.37
N ARG A 130 -8.67 -16.44 5.54
CA ARG A 130 -8.46 -17.79 6.06
C ARG A 130 -9.38 -18.75 5.32
N ARG A 131 -8.85 -19.93 4.97
CA ARG A 131 -9.60 -20.95 4.23
C ARG A 131 -10.34 -20.36 3.04
N ARG A 132 -9.59 -19.63 2.21
CA ARG A 132 -10.14 -18.79 1.16
C ARG A 132 -9.79 -19.28 -0.25
N ALA A 133 -9.29 -20.51 -0.36
CA ALA A 133 -8.75 -20.99 -1.63
C ALA A 133 -9.81 -21.09 -2.71
N MET A 134 -11.07 -21.33 -2.34
CA MET A 134 -12.12 -21.56 -3.32
C MET A 134 -12.82 -20.30 -3.79
N SER A 135 -12.39 -19.13 -3.32
CA SER A 135 -13.14 -17.91 -3.60
C SER A 135 -12.19 -16.77 -3.94
N LEU A 136 -12.72 -15.79 -4.65
CA LEU A 136 -12.04 -14.53 -4.85
C LEU A 136 -11.73 -13.88 -3.50
N SER A 137 -10.57 -13.27 -3.40
CA SER A 137 -10.17 -12.51 -2.22
C SER A 137 -9.70 -11.13 -2.64
N PHE A 138 -9.65 -10.21 -1.68
CA PHE A 138 -9.38 -8.82 -1.96
C PHE A 138 -8.29 -8.29 -1.06
N ARG A 139 -7.74 -7.15 -1.45
CA ARG A 139 -6.60 -6.52 -0.80
C ARG A 139 -7.03 -5.23 -0.13
N ILE A 140 -6.17 -4.72 0.75
CA ILE A 140 -6.35 -3.37 1.26
C ILE A 140 -6.33 -2.40 0.08
N GLY A 141 -7.32 -1.51 0.03
CA GLY A 141 -7.45 -0.56 -1.05
C GLY A 141 -8.33 -1.00 -2.20
N ASP A 142 -8.72 -2.27 -2.26
CA ASP A 142 -9.61 -2.73 -3.32
C ASP A 142 -11.00 -2.14 -3.15
N LEU A 143 -11.63 -1.78 -4.26
CA LEU A 143 -12.93 -1.12 -4.27
C LEU A 143 -13.96 -2.06 -4.89
N LEU A 144 -15.06 -2.27 -4.16
CA LEU A 144 -16.15 -3.13 -4.64
C LEU A 144 -17.44 -2.32 -4.76
N PRO A 145 -18.31 -2.67 -5.70
CA PRO A 145 -19.62 -1.99 -5.75
C PRO A 145 -20.42 -2.27 -4.49
N ALA A 146 -21.00 -1.21 -3.94
CA ALA A 146 -21.64 -1.31 -2.63
C ALA A 146 -22.78 -2.32 -2.62
N GLU A 147 -23.59 -2.36 -3.67
CA GLU A 147 -24.77 -3.21 -3.67
C GLU A 147 -24.45 -4.69 -3.82
N ARG A 148 -23.20 -5.05 -4.10
CA ARG A 148 -22.80 -6.45 -4.19
C ARG A 148 -22.00 -6.91 -2.98
N THR A 149 -22.13 -6.22 -1.85
CA THR A 149 -21.43 -6.57 -0.63
C THR A 149 -22.40 -6.49 0.55
N ALA A 150 -21.96 -7.03 1.68
CA ALA A 150 -22.70 -6.92 2.93
C ALA A 150 -22.45 -5.57 3.62
N PRO A 151 -21.22 -5.03 3.60
CA PRO A 151 -21.03 -3.67 4.16
C PRO A 151 -21.81 -2.59 3.41
N GLY A 152 -22.07 -2.79 2.13
CA GLY A 152 -22.73 -1.80 1.30
C GLY A 152 -23.99 -1.21 1.87
N PRO A 153 -24.98 -2.05 2.20
CA PRO A 153 -26.23 -1.54 2.79
C PRO A 153 -26.01 -0.78 4.10
N LEU A 154 -25.02 -1.17 4.89
CA LEU A 154 -24.79 -0.49 6.17
C LEU A 154 -24.31 0.94 5.95
N PHE A 155 -23.45 1.15 4.94
CA PHE A 155 -23.02 2.51 4.63
C PHE A 155 -24.14 3.32 3.99
N ALA A 156 -24.89 2.70 3.07
CA ALA A 156 -25.96 3.39 2.37
C ALA A 156 -27.08 3.83 3.30
N ALA A 157 -27.23 3.17 4.46
CA ALA A 157 -28.24 3.58 5.42
C ALA A 157 -28.01 5.00 5.93
N GLU A 158 -26.80 5.54 5.77
CA GLU A 158 -26.49 6.90 6.18
C GLU A 158 -26.21 7.81 4.99
N TRP A 159 -26.58 7.37 3.79
CA TRP A 159 -26.30 8.16 2.59
C TRP A 159 -27.20 9.39 2.52
N THR A 160 -26.64 10.47 1.96
CA THR A 160 -27.39 11.67 1.67
C THR A 160 -28.02 11.57 0.28
N ALA A 161 -28.73 12.63 -0.13
CA ALA A 161 -29.34 12.63 -1.44
C ALA A 161 -28.29 12.67 -2.55
N SER A 162 -27.18 13.38 -2.31
CA SER A 162 -26.12 13.39 -3.31
C SER A 162 -25.38 12.06 -3.38
N ASP A 163 -25.33 11.32 -2.28
CA ASP A 163 -24.76 9.97 -2.32
C ASP A 163 -25.60 9.05 -3.20
N TRP A 164 -26.93 9.11 -3.06
CA TRP A 164 -27.79 8.28 -3.89
C TRP A 164 -27.75 8.70 -5.35
N HIS A 165 -27.59 10.00 -5.61
CA HIS A 165 -27.43 10.45 -7.00
C HIS A 165 -26.15 9.91 -7.61
N ARG A 166 -25.04 9.93 -6.85
CA ARG A 166 -23.80 9.37 -7.36
C ARG A 166 -23.92 7.88 -7.63
N TRP A 167 -24.65 7.16 -6.77
CA TRP A 167 -24.87 5.74 -6.99
C TRP A 167 -25.69 5.50 -8.26
N ARG A 168 -26.78 6.27 -8.42
CA ARG A 168 -27.60 6.12 -9.62
C ARG A 168 -26.84 6.45 -10.88
N GLU A 169 -26.01 7.50 -10.84
CA GLU A 169 -25.22 7.87 -12.02
C GLU A 169 -24.25 6.76 -12.39
N ARG A 170 -23.60 6.14 -11.41
CA ARG A 170 -22.68 5.06 -11.71
C ARG A 170 -23.43 3.83 -12.22
N ARG A 171 -24.61 3.57 -11.68
CA ARG A 171 -25.39 2.41 -12.13
C ARG A 171 -25.73 2.50 -13.60
N ALA A 172 -26.14 3.69 -14.06
CA ALA A 172 -26.50 3.87 -15.47
C ALA A 172 -25.27 3.90 -16.36
N ALA A 173 -24.19 4.53 -15.90
CA ALA A 173 -22.99 4.67 -16.73
C ALA A 173 -22.21 3.37 -16.83
N ASP A 174 -22.21 2.55 -15.79
CA ASP A 174 -21.44 1.31 -15.74
C ASP A 174 -22.36 0.16 -15.36
N PRO A 175 -23.20 -0.30 -16.31
CA PRO A 175 -24.17 -1.36 -15.97
C PRO A 175 -23.52 -2.69 -15.65
N GLY A 176 -22.31 -2.95 -16.14
CA GLY A 176 -21.64 -4.22 -15.91
C GLY A 176 -20.59 -4.23 -14.83
N ASP A 177 -20.53 -3.18 -14.00
CA ASP A 177 -19.53 -3.07 -12.93
C ASP A 177 -18.10 -3.12 -13.46
N HIS A 178 -17.89 -2.67 -14.70
CA HIS A 178 -16.56 -2.73 -15.29
C HIS A 178 -15.61 -1.72 -14.67
N SER A 179 -16.13 -0.71 -13.96
CA SER A 179 -15.28 0.21 -13.22
C SER A 179 -14.81 -0.37 -11.90
N PHE A 180 -15.18 -1.62 -11.59
CA PHE A 180 -14.73 -2.33 -10.39
C PHE A 180 -14.04 -3.62 -10.84
N PRO A 181 -12.82 -3.52 -11.38
CA PRO A 181 -12.17 -4.71 -11.95
C PRO A 181 -11.81 -5.78 -10.93
N ALA A 182 -11.96 -5.51 -9.63
CA ALA A 182 -11.65 -6.52 -8.63
C ALA A 182 -12.72 -7.59 -8.54
N VAL A 183 -13.92 -7.33 -9.01
CA VAL A 183 -15.02 -8.30 -8.96
C VAL A 183 -15.34 -8.76 -10.37
N PRO A 184 -15.96 -9.93 -10.54
CA PRO A 184 -16.41 -10.34 -11.88
C PRO A 184 -17.46 -9.38 -12.40
N PRO A 185 -17.46 -9.11 -13.71
CA PRO A 185 -18.48 -8.21 -14.27
C PRO A 185 -19.88 -8.73 -14.04
N ARG A 186 -20.82 -7.80 -13.87
CA ARG A 186 -22.21 -8.15 -13.65
C ARG A 186 -22.75 -8.83 -14.90
N GLU A 187 -23.08 -10.13 -14.79
CA GLU A 187 -23.44 -10.94 -15.93
C GLU A 187 -24.80 -10.50 -16.51
N PRO A 188 -25.04 -10.78 -17.78
CA PRO A 188 -26.36 -10.49 -18.36
C PRO A 188 -27.44 -11.31 -17.66
N GLY A 189 -28.58 -10.67 -17.40
CA GLY A 189 -29.64 -11.33 -16.67
C GLY A 189 -29.38 -11.47 -15.19
N ALA A 190 -28.47 -10.67 -14.64
CA ALA A 190 -28.24 -10.70 -13.20
C ALA A 190 -29.46 -10.15 -12.47
N PRO A 191 -29.88 -10.78 -11.37
CA PRO A 191 -31.04 -10.29 -10.64
C PRO A 191 -30.75 -8.95 -9.96
N GLY A 192 -31.82 -8.19 -9.72
CA GLY A 192 -31.67 -6.92 -9.04
C GLY A 192 -31.18 -7.13 -7.61
N GLU A 193 -30.27 -6.25 -7.18
CA GLU A 193 -29.70 -6.36 -5.85
C GLU A 193 -30.63 -5.84 -4.76
N ASP A 194 -31.69 -5.12 -5.12
CA ASP A 194 -32.67 -4.60 -4.16
C ASP A 194 -31.96 -3.79 -3.06
N PHE A 195 -31.19 -2.79 -3.50
CA PHE A 195 -30.20 -2.18 -2.62
C PHE A 195 -30.85 -1.27 -1.58
N ALA A 196 -31.75 -0.38 -2.02
CA ALA A 196 -32.35 0.57 -1.09
C ALA A 196 -33.14 -0.13 0.00
N ARG A 197 -33.80 -1.23 -0.35
CA ARG A 197 -34.53 -2.01 0.65
C ARG A 197 -33.58 -2.70 1.62
N ARG A 198 -32.47 -3.25 1.11
CA ARG A 198 -31.48 -3.86 1.98
C ARG A 198 -30.86 -2.82 2.91
N ALA A 199 -30.66 -1.60 2.41
CA ALA A 199 -30.09 -0.53 3.23
C ALA A 199 -31.03 -0.17 4.38
N ALA A 200 -32.33 -0.10 4.09
CA ALA A 200 -33.30 0.19 5.15
C ALA A 200 -33.33 -0.93 6.17
N LYS A 201 -33.29 -2.18 5.72
CA LYS A 201 -33.29 -3.32 6.63
C LYS A 201 -32.00 -3.36 7.45
N ALA A 202 -30.87 -2.98 6.83
CA ALA A 202 -29.59 -2.99 7.53
C ALA A 202 -29.56 -1.99 8.67
N ALA A 203 -30.16 -0.81 8.46
CA ALA A 203 -30.24 0.18 9.53
C ALA A 203 -31.08 -0.36 10.69
N ALA A 204 -32.16 -1.08 10.38
CA ALA A 204 -33.00 -1.63 11.44
C ALA A 204 -32.32 -2.81 12.12
N ASP A 205 -31.68 -3.69 11.35
CA ASP A 205 -31.09 -4.90 11.93
C ASP A 205 -29.80 -4.60 12.68
N GLY A 206 -29.01 -3.65 12.19
CA GLY A 206 -27.66 -3.48 12.72
C GLY A 206 -26.68 -4.49 12.19
N TRP A 207 -27.02 -5.19 11.11
CA TRP A 207 -26.15 -6.16 10.47
C TRP A 207 -26.67 -6.39 9.05
N ALA A 208 -25.86 -7.03 8.23
CA ALA A 208 -26.23 -7.30 6.85
C ALA A 208 -25.58 -8.59 6.37
N LEU A 209 -26.22 -9.23 5.40
CA LEU A 209 -25.77 -10.50 4.85
C LEU A 209 -25.46 -10.38 3.38
N ASP A 210 -24.42 -11.08 2.94
CA ASP A 210 -24.05 -11.19 1.52
C ASP A 210 -24.22 -12.64 1.12
N ASP A 211 -25.25 -12.93 0.32
CA ASP A 211 -25.49 -14.29 -0.17
C ASP A 211 -25.01 -14.36 -1.62
N GLN A 212 -23.70 -14.53 -1.77
CA GLN A 212 -23.10 -14.81 -3.08
C GLN A 212 -23.32 -13.67 -4.07
N LEU A 213 -23.23 -12.44 -3.59
CA LEU A 213 -23.38 -11.29 -4.48
C LEU A 213 -22.14 -11.03 -5.31
N ILE A 214 -20.97 -11.44 -4.82
CA ILE A 214 -19.74 -11.28 -5.59
C ILE A 214 -19.60 -12.42 -6.60
N GLU A 215 -19.79 -13.65 -6.16
CA GLU A 215 -19.62 -14.83 -6.98
C GLU A 215 -20.24 -16.02 -6.26
N PRO A 216 -20.51 -17.12 -6.97
CA PRO A 216 -21.05 -18.31 -6.30
C PRO A 216 -20.11 -18.81 -5.20
N GLY A 217 -20.70 -19.18 -4.06
CA GLY A 217 -19.98 -19.75 -2.96
C GLY A 217 -19.52 -18.78 -1.89
N LEU A 218 -19.36 -17.50 -2.23
CA LEU A 218 -18.81 -16.50 -1.31
C LEU A 218 -19.93 -15.87 -0.50
N VAL A 219 -19.86 -16.02 0.83
CA VAL A 219 -20.88 -15.48 1.73
C VAL A 219 -20.19 -14.68 2.83
N ALA A 220 -20.90 -13.68 3.36
CA ALA A 220 -20.34 -12.81 4.37
C ALA A 220 -21.45 -12.24 5.24
N VAL A 221 -21.10 -11.93 6.48
CA VAL A 221 -21.99 -11.24 7.42
C VAL A 221 -21.22 -10.05 7.98
N SER A 222 -21.90 -8.91 8.07
CA SER A 222 -21.24 -7.64 8.38
C SER A 222 -21.95 -6.92 9.52
N VAL A 223 -21.17 -6.22 10.33
CA VAL A 223 -21.67 -5.42 11.45
C VAL A 223 -20.93 -4.09 11.46
N PRO A 224 -21.63 -2.96 11.58
CA PRO A 224 -20.92 -1.67 11.57
C PRO A 224 -20.22 -1.38 12.89
N VAL A 225 -19.06 -0.74 12.78
CA VAL A 225 -18.33 -0.24 13.93
C VAL A 225 -18.60 1.26 14.03
N ARG A 226 -19.23 1.67 15.13
CA ARG A 226 -19.69 3.05 15.26
C ARG A 226 -18.64 3.90 15.95
N ASP A 227 -18.43 5.09 15.41
CA ASP A 227 -17.52 6.06 16.01
C ASP A 227 -18.09 6.52 17.36
N PRO A 228 -17.33 6.39 18.45
CA PRO A 228 -17.89 6.77 19.76
C PRO A 228 -18.21 8.25 19.86
N GLY A 229 -17.53 9.10 19.08
CA GLY A 229 -17.79 10.53 19.15
C GLY A 229 -19.11 10.91 18.49
N THR A 230 -19.31 10.49 17.24
CA THR A 230 -20.47 10.90 16.47
C THR A 230 -21.59 9.87 16.44
N GLY A 231 -21.31 8.61 16.75
CA GLY A 231 -22.31 7.57 16.63
C GLY A 231 -22.56 7.09 15.21
N ARG A 232 -21.93 7.70 14.22
CA ARG A 232 -22.06 7.26 12.84
C ARG A 232 -21.09 6.10 12.57
N VAL A 233 -21.26 5.46 11.41
CA VAL A 233 -20.47 4.29 11.07
C VAL A 233 -19.03 4.72 10.79
N ALA A 234 -18.09 4.15 11.55
CA ALA A 234 -16.68 4.41 11.28
C ALA A 234 -16.14 3.44 10.25
N CYS A 235 -16.43 2.15 10.41
CA CYS A 235 -16.10 1.13 9.43
C CYS A 235 -17.05 -0.04 9.66
N VAL A 236 -16.94 -1.05 8.80
CA VAL A 236 -17.77 -2.24 8.88
C VAL A 236 -16.86 -3.46 8.94
N ALA A 237 -17.10 -4.32 9.91
CA ALA A 237 -16.36 -5.56 10.08
C ALA A 237 -17.17 -6.71 9.50
N SER A 238 -16.52 -7.57 8.71
CA SER A 238 -17.17 -8.68 8.05
C SER A 238 -16.47 -9.98 8.38
N VAL A 239 -17.26 -11.05 8.54
CA VAL A 239 -16.75 -12.41 8.57
C VAL A 239 -17.14 -13.07 7.25
N VAL A 240 -16.14 -13.54 6.51
CA VAL A 240 -16.34 -14.04 5.16
C VAL A 240 -16.07 -15.54 5.15
N SER A 241 -17.00 -16.30 4.56
CA SER A 241 -16.95 -17.75 4.59
C SER A 241 -17.28 -18.28 3.20
N HIS A 242 -17.55 -19.58 3.13
CA HIS A 242 -17.90 -20.25 1.88
C HIS A 242 -19.10 -21.16 2.12
N THR A 243 -19.92 -21.32 1.07
CA THR A 243 -21.16 -22.07 1.21
C THR A 243 -20.94 -23.53 1.59
N SER A 244 -19.74 -24.07 1.33
CA SER A 244 -19.43 -25.42 1.76
C SER A 244 -19.35 -25.53 3.28
N ARG A 245 -19.21 -24.40 3.99
CA ARG A 245 -19.19 -24.40 5.44
C ARG A 245 -20.40 -23.72 6.06
N HIS A 246 -20.97 -22.71 5.40
CA HIS A 246 -22.16 -22.05 5.90
C HIS A 246 -22.95 -21.50 4.72
N THR A 247 -24.25 -21.79 4.70
CA THR A 247 -25.13 -20.96 3.89
C THR A 247 -25.17 -19.56 4.49
N ALA A 248 -25.60 -18.60 3.69
CA ALA A 248 -25.71 -17.23 4.20
C ALA A 248 -26.59 -17.15 5.44
N PRO A 249 -27.77 -17.79 5.51
CA PRO A 249 -28.51 -17.78 6.78
C PRO A 249 -27.77 -18.48 7.91
N ASP A 250 -27.08 -19.59 7.63
CA ASP A 250 -26.38 -20.31 8.68
C ASP A 250 -25.16 -19.53 9.17
N LEU A 251 -24.49 -18.81 8.27
CA LEU A 251 -23.37 -17.96 8.68
C LEU A 251 -23.82 -16.91 9.68
N ARG A 252 -25.01 -16.35 9.48
CA ARG A 252 -25.54 -15.37 10.43
C ARG A 252 -25.85 -16.03 11.77
N ALA A 253 -26.53 -17.18 11.74
CA ALA A 253 -26.90 -17.85 12.99
C ALA A 253 -25.69 -18.32 13.78
N ALA A 254 -24.61 -18.69 13.09
CA ALA A 254 -23.47 -19.30 13.76
C ALA A 254 -22.49 -18.25 14.28
N LEU A 255 -22.29 -17.16 13.54
CA LEU A 255 -21.16 -16.28 13.81
C LEU A 255 -21.53 -14.82 14.05
N LEU A 256 -22.79 -14.42 13.84
CA LEU A 256 -23.16 -13.04 14.15
C LEU A 256 -22.97 -12.69 15.63
N PRO A 257 -23.32 -13.54 16.61
CA PRO A 257 -23.04 -13.17 18.01
C PRO A 257 -21.56 -12.91 18.28
N ARG A 258 -20.67 -13.77 17.76
CA ARG A 258 -19.24 -13.55 17.97
C ARG A 258 -18.78 -12.27 17.30
N LEU A 259 -19.31 -11.97 16.10
CA LEU A 259 -18.92 -10.75 15.40
C LEU A 259 -19.41 -9.51 16.14
N ARG A 260 -20.62 -9.58 16.69
CA ARG A 260 -21.12 -8.47 17.49
C ARG A 260 -20.25 -8.24 18.73
N ALA A 261 -19.75 -9.32 19.33
CA ALA A 261 -18.86 -9.16 20.48
C ALA A 261 -17.53 -8.55 20.06
N ALA A 262 -17.00 -8.95 18.89
CA ALA A 262 -15.76 -8.37 18.41
C ALA A 262 -15.93 -6.90 18.06
N VAL A 263 -17.07 -6.55 17.45
CA VAL A 263 -17.34 -5.14 17.13
C VAL A 263 -17.48 -4.33 18.41
N ALA A 264 -18.13 -4.89 19.43
CA ALA A 264 -18.26 -4.17 20.70
C ALA A 264 -16.90 -3.85 21.30
N ALA A 265 -15.95 -4.79 21.21
CA ALA A 265 -14.60 -4.54 21.70
C ALA A 265 -13.86 -3.53 20.82
N MET A 266 -14.13 -3.53 19.52
CA MET A 266 -13.51 -2.54 18.64
C MET A 266 -13.99 -1.15 18.99
N GLU A 267 -15.28 -0.99 19.28
CA GLU A 267 -15.80 0.30 19.70
C GLU A 267 -15.22 0.72 21.05
N ASP A 268 -15.00 -0.24 21.95
CA ASP A 268 -14.30 0.07 23.20
C ASP A 268 -12.89 0.56 22.93
N ASP A 269 -12.21 -0.03 21.93
CA ASP A 269 -10.86 0.39 21.61
C ASP A 269 -10.84 1.79 21.00
N LEU A 270 -11.86 2.12 20.18
CA LEU A 270 -11.96 3.47 19.66
C LEU A 270 -12.23 4.47 20.79
N ARG A 271 -13.08 4.08 21.74
CA ARG A 271 -13.42 4.98 22.84
C ARG A 271 -12.24 5.19 23.79
N ALA A 272 -11.36 4.19 23.92
CA ALA A 272 -10.23 4.28 24.83
C ALA A 272 -8.93 4.68 24.15
N ALA A 273 -8.97 5.02 22.87
CA ALA A 273 -7.75 5.32 22.15
C ALA A 273 -7.09 6.57 22.71
N PRO A 274 -5.77 6.57 22.94
CA PRO A 274 -5.10 7.79 23.36
C PRO A 274 -5.07 8.82 22.23
N ALA A 275 -4.76 10.05 22.60
CA ALA A 275 -4.70 11.12 21.62
C ALA A 275 -3.67 10.77 20.53
N PRO A 276 -3.92 11.14 19.29
CA PRO A 276 -2.99 10.78 18.21
C PRO A 276 -1.67 11.52 18.36
N GLU A 277 -0.59 10.85 17.94
CA GLU A 277 0.72 11.45 17.97
C GLU A 277 1.05 11.98 16.58
N PRO A 278 1.08 13.30 16.37
CA PRO A 278 1.39 13.83 15.03
C PRO A 278 2.86 13.91 14.71
N GLY A 279 3.76 13.69 15.67
CA GLY A 279 5.18 13.79 15.43
C GLY A 279 5.65 15.23 15.40
N PRO A 280 6.90 15.44 14.96
CA PRO A 280 7.42 16.81 14.92
C PRO A 280 6.70 17.63 13.87
N PRO A 281 6.68 18.96 14.02
CA PRO A 281 5.97 19.80 13.05
C PRO A 281 6.65 19.75 11.70
N PRO A 282 5.91 19.35 10.66
CA PRO A 282 6.52 19.25 9.33
C PRO A 282 6.68 20.61 8.68
N ALA A 283 7.67 20.68 7.78
CA ALA A 283 7.95 21.93 7.07
C ALA A 283 8.68 21.61 5.78
N GLY A 284 8.28 22.30 4.71
CA GLY A 284 8.96 22.18 3.43
C GLY A 284 8.96 20.78 2.84
N LEU A 285 7.82 20.08 2.91
CA LEU A 285 7.75 18.73 2.34
C LEU A 285 7.95 18.75 0.83
N ALA A 286 7.56 19.85 0.17
CA ALA A 286 7.62 19.95 -1.28
C ALA A 286 8.79 20.79 -1.77
N LEU A 287 9.68 21.23 -0.88
CA LEU A 287 10.74 22.15 -1.30
C LEU A 287 11.79 21.49 -2.18
N TRP A 288 11.92 20.16 -2.14
CA TRP A 288 12.91 19.48 -2.95
C TRP A 288 12.64 19.60 -4.45
N THR A 289 11.40 19.89 -4.84
CA THR A 289 11.05 19.89 -6.25
C THR A 289 11.80 20.97 -7.03
N GLY A 290 12.13 22.09 -6.38
CA GLY A 290 12.85 23.15 -7.08
C GLY A 290 14.19 22.69 -7.61
N ALA A 291 14.95 21.97 -6.79
CA ALA A 291 16.25 21.47 -7.23
C ALA A 291 16.10 20.42 -8.33
N SER A 292 15.07 19.58 -8.23
CA SER A 292 14.84 18.58 -9.27
C SER A 292 14.44 19.24 -10.58
N LYS A 293 13.66 20.32 -10.52
CA LYS A 293 13.30 21.05 -11.74
C LYS A 293 14.53 21.66 -12.39
N GLN A 294 15.45 22.20 -11.58
CA GLN A 294 16.70 22.71 -12.12
C GLN A 294 17.49 21.62 -12.83
N GLU A 295 17.58 20.44 -12.22
CA GLU A 295 18.42 19.37 -12.74
C GLU A 295 17.80 18.69 -13.96
N LEU A 296 16.48 18.60 -14.04
CA LEU A 296 15.82 17.82 -15.07
C LEU A 296 15.13 18.64 -16.14
N GLY A 297 14.82 19.91 -15.87
CA GLY A 297 14.30 20.77 -16.93
C GLY A 297 12.91 20.35 -17.37
N ARG A 298 12.71 20.28 -18.68
CA ARG A 298 11.39 20.02 -19.25
C ARG A 298 10.85 18.64 -18.90
N GLU A 299 11.71 17.70 -18.53
CA GLU A 299 11.25 16.33 -18.27
C GLU A 299 10.64 16.17 -16.88
N PHE A 300 10.75 17.17 -16.02
CA PHE A 300 10.20 17.14 -14.67
C PHE A 300 9.07 18.15 -14.59
N VAL A 301 7.86 17.70 -14.28
N VAL A 301 7.88 17.69 -14.22
CA VAL A 301 6.72 18.59 -14.11
CA VAL A 301 6.70 18.54 -14.09
C VAL A 301 6.54 18.83 -12.62
C VAL A 301 6.52 18.82 -12.60
N GLU A 302 6.86 20.05 -12.18
CA GLU A 302 6.90 20.34 -10.75
C GLU A 302 5.51 20.38 -10.13
N SER A 303 4.50 20.84 -10.87
CA SER A 303 3.15 20.92 -10.30
C SER A 303 2.60 19.55 -9.95
N LEU A 304 2.99 18.51 -10.70
CA LEU A 304 2.59 17.15 -10.33
C LEU A 304 3.28 16.71 -9.05
N ALA A 305 4.61 16.89 -8.98
CA ALA A 305 5.35 16.47 -7.79
C ALA A 305 4.88 17.24 -6.56
N ARG A 306 4.69 18.55 -6.69
CA ARG A 306 4.16 19.35 -5.59
C ARG A 306 2.77 18.86 -5.20
N GLY A 307 1.92 18.60 -6.20
CA GLY A 307 0.53 18.28 -5.91
C GLY A 307 0.38 16.97 -5.16
N LEU A 308 1.14 15.95 -5.56
CA LEU A 308 1.09 14.68 -4.84
C LEU A 308 1.70 14.80 -3.44
N THR A 309 2.73 15.63 -3.29
CA THR A 309 3.34 15.83 -1.98
C THR A 309 2.34 16.40 -0.98
N VAL A 310 1.35 17.17 -1.47
CA VAL A 310 0.31 17.72 -0.60
C VAL A 310 -0.37 16.61 0.19
N LEU A 311 -0.58 15.45 -0.45
CA LEU A 311 -1.24 14.35 0.23
C LEU A 311 -0.44 13.84 1.43
N THR A 312 0.89 13.96 1.38
CA THR A 312 1.72 13.47 2.48
C THR A 312 1.74 14.41 3.67
N ALA A 313 1.16 15.61 3.56
CA ALA A 313 1.02 16.48 4.72
C ALA A 313 0.05 15.91 5.75
N PHE A 314 -0.83 15.00 5.34
CA PHE A 314 -1.82 14.42 6.23
C PHE A 314 -1.28 13.15 6.87
N GLY A 315 -1.80 12.83 8.04
CA GLY A 315 -1.35 11.65 8.74
C GLY A 315 -1.99 11.56 10.11
N GLU A 316 -1.43 10.69 10.95
CA GLU A 316 -1.91 10.53 12.31
C GLU A 316 -1.78 11.85 13.06
N GLY A 317 -2.85 12.26 13.73
CA GLY A 317 -2.89 13.55 14.37
C GLY A 317 -2.95 14.73 13.43
N ARG A 318 -2.98 14.48 12.12
CA ARG A 318 -3.08 15.51 11.09
CA ARG A 318 -3.06 15.50 11.09
C ARG A 318 -4.10 15.10 10.04
N SER A 319 -5.29 14.72 10.51
CA SER A 319 -6.31 14.19 9.60
C SER A 319 -7.12 15.29 8.91
N ALA A 320 -7.30 16.43 9.56
CA ALA A 320 -8.04 17.55 9.00
C ALA A 320 -7.20 18.81 9.12
N LEU A 321 -6.77 19.35 7.98
CA LEU A 321 -5.86 20.48 7.95
C LEU A 321 -6.49 21.66 7.22
N THR A 322 -6.19 22.87 7.69
CA THR A 322 -6.58 24.08 6.99
C THR A 322 -5.62 24.34 5.83
N LEU A 323 -6.04 25.21 4.91
CA LEU A 323 -5.16 25.63 3.83
C LEU A 323 -3.86 26.20 4.37
N THR A 324 -3.93 26.99 5.45
CA THR A 324 -2.72 27.52 6.07
C THR A 324 -1.79 26.40 6.53
N GLN A 325 -2.36 25.36 7.16
CA GLN A 325 -1.53 24.26 7.64
C GLN A 325 -0.93 23.46 6.50
N VAL A 326 -1.70 23.27 5.41
CA VAL A 326 -1.18 22.55 4.26
C VAL A 326 -0.02 23.33 3.63
N ALA A 327 -0.17 24.64 3.49
CA ALA A 327 0.89 25.47 2.93
C ALA A 327 2.12 25.44 3.82
N GLN A 328 1.93 25.51 5.15
CA GLN A 328 3.06 25.48 6.07
C GLN A 328 3.78 24.13 6.01
N ALA A 329 3.04 23.04 5.99
CA ALA A 329 3.65 21.71 5.99
C ALA A 329 4.44 21.44 4.72
N THR A 330 3.98 21.94 3.58
CA THR A 330 4.63 21.65 2.30
C THR A 330 5.64 22.71 1.89
N GLY A 331 5.57 23.91 2.47
CA GLY A 331 6.38 25.01 2.00
C GLY A 331 5.91 25.63 0.71
N LEU A 332 4.71 25.30 0.25
CA LEU A 332 4.17 25.86 -0.97
C LEU A 332 3.55 27.22 -0.72
N ALA A 333 3.55 28.07 -1.74
CA ALA A 333 2.80 29.31 -1.67
C ALA A 333 1.32 28.99 -1.45
N ARG A 334 0.62 29.91 -0.78
CA ARG A 334 -0.75 29.65 -0.40
C ARG A 334 -1.63 29.38 -1.61
N ALA A 335 -1.49 30.18 -2.66
CA ALA A 335 -2.32 29.97 -3.85
C ALA A 335 -1.97 28.66 -4.54
N THR A 336 -0.70 28.24 -4.48
CA THR A 336 -0.30 26.98 -5.11
C THR A 336 -0.86 25.79 -4.33
N ALA A 337 -0.79 25.86 -2.99
CA ALA A 337 -1.40 24.80 -2.18
C ALA A 337 -2.91 24.74 -2.41
N ARG A 338 -3.55 25.90 -2.58
CA ARG A 338 -4.99 25.91 -2.76
C ARG A 338 -5.40 25.25 -4.07
N ARG A 339 -4.68 25.52 -5.16
CA ARG A 339 -5.00 24.90 -6.43
C ARG A 339 -4.79 23.38 -6.38
N ALA A 340 -3.74 22.94 -5.69
CA ALA A 340 -3.51 21.50 -5.55
C ALA A 340 -4.66 20.84 -4.78
N LEU A 341 -5.07 21.46 -3.67
CA LEU A 341 -6.17 20.91 -2.88
C LEU A 341 -7.47 20.89 -3.67
N LEU A 342 -7.76 21.96 -4.40
CA LEU A 342 -8.98 21.98 -5.20
C LEU A 342 -8.92 20.99 -6.34
N THR A 343 -7.74 20.76 -6.90
CA THR A 343 -7.59 19.71 -7.91
C THR A 343 -7.81 18.34 -7.30
N HIS A 344 -7.27 18.10 -6.10
CA HIS A 344 -7.53 16.83 -5.41
C HIS A 344 -9.01 16.65 -5.13
N ALA A 345 -9.70 17.73 -4.79
CA ALA A 345 -11.15 17.65 -4.56
C ALA A 345 -11.89 17.24 -5.82
N ARG A 346 -11.47 17.76 -6.97
CA ARG A 346 -12.08 17.35 -8.23
C ARG A 346 -11.84 15.87 -8.49
N ALA A 347 -10.63 15.38 -8.22
CA ALA A 347 -10.31 13.96 -8.39
C ALA A 347 -10.90 13.08 -7.30
N GLY A 348 -11.54 13.67 -6.29
CA GLY A 348 -12.12 12.89 -5.21
C GLY A 348 -11.14 12.39 -4.18
N LEU A 349 -9.91 12.89 -4.16
CA LEU A 349 -8.90 12.45 -3.21
C LEU A 349 -8.90 13.26 -1.92
N VAL A 350 -9.47 14.45 -1.95
CA VAL A 350 -9.59 15.32 -0.78
C VAL A 350 -11.04 15.79 -0.70
N ALA A 351 -11.56 15.84 0.53
CA ALA A 351 -12.90 16.33 0.78
C ALA A 351 -12.87 17.44 1.81
N PRO A 352 -13.77 18.42 1.70
CA PRO A 352 -13.85 19.44 2.74
C PRO A 352 -14.31 18.84 4.06
N ALA A 353 -13.90 19.46 5.16
CA ALA A 353 -14.23 18.97 6.48
C ALA A 353 -14.57 20.15 7.38
N ALA A 354 -15.00 19.82 8.60
CA ALA A 354 -15.49 20.83 9.53
C ALA A 354 -14.40 21.85 9.85
N GLY A 355 -14.82 23.10 10.02
CA GLY A 355 -13.88 24.16 10.35
C GLY A 355 -13.04 24.64 9.19
N HIS A 356 -13.57 24.56 7.96
CA HIS A 356 -12.85 24.98 6.76
C HIS A 356 -11.52 24.23 6.62
N THR A 357 -11.57 22.93 6.86
CA THR A 357 -10.40 22.06 6.73
C THR A 357 -10.57 21.14 5.52
N PHE A 358 -9.51 20.37 5.26
CA PHE A 358 -9.51 19.37 4.22
C PHE A 358 -9.07 18.04 4.82
N THR A 359 -9.56 16.95 4.25
CA THR A 359 -9.22 15.62 4.75
C THR A 359 -9.07 14.66 3.57
N LEU A 360 -8.23 13.65 3.75
CA LEU A 360 -8.04 12.64 2.72
C LEU A 360 -9.23 11.69 2.68
N THR A 361 -9.57 11.25 1.48
CA THR A 361 -10.63 10.28 1.27
C THR A 361 -10.04 8.89 1.06
N PRO A 362 -10.84 7.83 1.23
CA PRO A 362 -10.33 6.49 0.89
C PRO A 362 -9.93 6.35 -0.57
N ARG A 363 -10.37 7.26 -1.44
CA ARG A 363 -10.00 7.20 -2.86
C ARG A 363 -8.49 7.35 -3.06
N VAL A 364 -7.76 7.86 -2.05
CA VAL A 364 -6.31 7.94 -2.14
C VAL A 364 -5.70 6.56 -2.29
N LEU A 365 -6.34 5.53 -1.71
CA LEU A 365 -5.83 4.17 -1.83
C LEU A 365 -5.86 3.67 -3.26
N SER A 366 -6.61 4.33 -4.15
CA SER A 366 -6.60 3.95 -5.56
C SER A 366 -5.25 4.19 -6.22
N LEU A 367 -4.38 4.98 -5.60
CA LEU A 367 -3.08 5.31 -6.18
C LEU A 367 -2.06 4.23 -5.81
N GLY A 368 -2.23 3.07 -6.45
CA GLY A 368 -1.24 2.01 -6.42
C GLY A 368 -1.26 1.09 -5.22
N PHE A 369 -2.10 1.36 -4.20
CA PHE A 369 -1.94 0.64 -2.94
C PHE A 369 -2.31 -0.85 -3.02
N PRO A 370 -3.42 -1.26 -3.62
CA PRO A 370 -3.80 -2.69 -3.58
C PRO A 370 -2.70 -3.60 -4.15
N PRO A 371 -2.19 -3.35 -5.37
CA PRO A 371 -1.14 -4.26 -5.85
C PRO A 371 0.17 -4.13 -5.10
N LEU A 372 0.52 -2.94 -4.64
CA LEU A 372 1.77 -2.76 -3.91
C LEU A 372 1.71 -3.36 -2.51
N SER A 373 0.51 -3.50 -1.93
CA SER A 373 0.39 -4.06 -0.59
C SER A 373 0.82 -5.52 -0.54
N ARG A 374 0.90 -6.19 -1.67
CA ARG A 374 1.31 -7.60 -1.72
C ARG A 374 2.76 -7.78 -2.17
N THR A 375 3.56 -6.71 -2.17
CA THR A 375 4.96 -6.81 -2.55
C THR A 375 5.76 -7.45 -1.43
N SER A 376 6.53 -8.49 -1.77
CA SER A 376 7.39 -9.14 -0.81
C SER A 376 8.74 -8.44 -0.73
N LEU A 377 9.51 -8.74 0.31
CA LEU A 377 10.83 -8.17 0.45
C LEU A 377 11.75 -8.54 -0.71
N PRO A 378 11.84 -9.80 -1.16
CA PRO A 378 12.66 -10.08 -2.35
C PRO A 378 12.20 -9.33 -3.59
N GLU A 379 10.90 -9.08 -3.73
CA GLU A 379 10.43 -8.28 -4.86
C GLU A 379 10.86 -6.83 -4.71
N ILE A 380 10.86 -6.30 -3.49
CA ILE A 380 11.38 -4.95 -3.25
C ILE A 380 12.85 -4.89 -3.64
N ALA A 381 13.63 -5.90 -3.25
CA ALA A 381 15.08 -5.82 -3.36
C ALA A 381 15.59 -6.10 -4.77
N GLN A 382 14.83 -6.86 -5.57
CA GLN A 382 15.35 -7.36 -6.85
C GLN A 382 15.90 -6.26 -7.76
N PRO A 383 15.19 -5.17 -8.04
CA PRO A 383 15.80 -4.14 -8.90
C PRO A 383 17.01 -3.48 -8.28
N HIS A 384 17.07 -3.37 -6.95
CA HIS A 384 18.22 -2.79 -6.29
C HIS A 384 19.41 -3.75 -6.27
N LEU A 385 19.16 -5.06 -6.17
CA LEU A 385 20.23 -6.04 -6.34
C LEU A 385 20.84 -5.94 -7.72
N THR A 386 19.99 -5.86 -8.75
CA THR A 386 20.48 -5.75 -10.12
C THR A 386 21.34 -4.50 -10.30
N ALA A 387 20.87 -3.37 -9.78
CA ALA A 387 21.65 -2.14 -9.88
C ALA A 387 22.96 -2.25 -9.13
N LEU A 388 22.95 -2.83 -7.93
CA LEU A 388 24.17 -2.97 -7.16
C LEU A 388 25.18 -3.86 -7.90
N ALA A 389 24.69 -4.98 -8.45
CA ALA A 389 25.58 -5.88 -9.19
C ALA A 389 26.27 -5.16 -10.34
N GLU A 390 25.56 -4.24 -11.01
CA GLU A 390 26.16 -3.51 -12.12
C GLU A 390 27.14 -2.44 -11.64
N ARG A 391 26.88 -1.84 -10.48
CA ARG A 391 27.76 -0.77 -10.01
CA ARG A 391 27.76 -0.77 -9.99
C ARG A 391 29.13 -1.29 -9.58
N VAL A 392 29.21 -2.54 -9.12
CA VAL A 392 30.48 -3.12 -8.69
C VAL A 392 30.94 -4.24 -9.60
N HIS A 393 30.16 -4.60 -10.62
CA HIS A 393 30.46 -5.70 -11.54
C HIS A 393 30.80 -6.99 -10.79
N GLU A 394 29.97 -7.30 -9.80
CA GLU A 394 30.02 -8.57 -9.09
C GLU A 394 28.60 -9.03 -8.84
N SER A 395 28.44 -10.22 -8.28
CA SER A 395 27.13 -10.76 -7.97
CA SER A 395 27.13 -10.76 -7.97
C SER A 395 26.65 -10.26 -6.61
N ALA A 396 25.33 -10.08 -6.49
CA ALA A 396 24.72 -9.63 -5.26
C ALA A 396 23.52 -10.51 -4.94
N SER A 397 23.28 -10.73 -3.65
CA SER A 397 22.23 -11.65 -3.23
C SER A 397 21.53 -11.14 -1.98
N LEU A 398 20.32 -11.64 -1.78
CA LEU A 398 19.53 -11.40 -0.58
C LEU A 398 19.19 -12.75 0.04
N ALA A 399 19.24 -12.84 1.37
CA ALA A 399 19.05 -14.12 2.03
C ALA A 399 18.46 -13.94 3.42
N VAL A 400 17.85 -15.01 3.92
CA VAL A 400 17.36 -15.12 5.28
C VAL A 400 17.88 -16.42 5.87
N LEU A 401 17.65 -16.61 7.17
CA LEU A 401 18.00 -17.87 7.80
C LEU A 401 17.05 -18.98 7.37
N ALA A 402 17.60 -20.15 7.07
CA ALA A 402 16.79 -21.30 6.73
C ALA A 402 16.06 -21.81 7.97
N ASP A 403 15.27 -22.87 7.78
CA ASP A 403 14.45 -23.39 8.86
C ASP A 403 15.30 -23.83 10.05
N SER A 404 16.47 -24.39 9.78
CA SER A 404 17.34 -24.86 10.86
C SER A 404 17.90 -23.73 11.71
N GLY A 405 17.91 -22.51 11.19
CA GLY A 405 18.56 -21.42 11.89
C GLY A 405 20.08 -21.44 11.82
N GLU A 406 20.67 -22.44 11.16
CA GLU A 406 22.12 -22.52 11.01
C GLU A 406 22.53 -22.64 9.54
N GLU A 407 21.60 -22.45 8.62
CA GLU A 407 21.91 -22.34 7.20
C GLU A 407 21.20 -21.10 6.66
N ILE A 408 21.68 -20.62 5.51
CA ILE A 408 21.08 -19.47 4.86
C ILE A 408 20.21 -19.96 3.71
N GLN A 409 19.24 -19.13 3.34
CA GLN A 409 18.31 -19.43 2.26
C GLN A 409 18.25 -18.20 1.35
N TYR A 410 18.71 -18.35 0.12
CA TYR A 410 18.66 -17.25 -0.84
C TYR A 410 17.22 -16.97 -1.24
N THR A 411 16.86 -15.68 -1.28
CA THR A 411 15.53 -15.27 -1.69
C THR A 411 15.51 -14.36 -2.91
N ALA A 412 16.65 -13.79 -3.30
CA ALA A 412 16.75 -12.97 -4.49
C ALA A 412 18.23 -12.85 -4.83
N ARG A 413 18.55 -12.88 -6.13
CA ARG A 413 19.94 -12.82 -6.57
C ARG A 413 20.05 -11.98 -7.83
N ALA A 414 21.26 -11.48 -8.07
CA ALA A 414 21.59 -10.77 -9.31
C ALA A 414 23.05 -11.04 -9.63
N SER A 415 23.32 -11.38 -10.88
CA SER A 415 24.67 -11.71 -11.31
C SER A 415 25.20 -10.66 -12.29
N ALA A 416 26.51 -10.68 -12.50
CA ALA A 416 27.15 -9.75 -13.42
C ALA A 416 28.18 -10.46 -14.30
N LEU A 430 28.40 -23.67 3.46
CA LEU A 430 26.97 -23.99 3.64
C LEU A 430 26.41 -23.55 5.00
N PRO A 431 27.08 -23.86 6.11
CA PRO A 431 26.60 -23.36 7.40
C PRO A 431 26.58 -21.85 7.43
N ALA A 432 25.60 -21.31 8.16
CA ALA A 432 25.45 -19.86 8.27
C ALA A 432 26.71 -19.21 8.84
N ARG A 433 27.35 -19.87 9.81
CA ARG A 433 28.52 -19.30 10.45
C ARG A 433 29.72 -19.23 9.52
N ALA A 434 29.67 -19.91 8.38
CA ALA A 434 30.77 -19.92 7.42
C ALA A 434 30.58 -18.94 6.28
N THR A 435 29.51 -18.15 6.28
CA THR A 435 29.24 -17.19 5.22
C THR A 435 29.09 -15.80 5.80
N ALA A 436 29.35 -14.80 4.95
CA ALA A 436 29.13 -13.42 5.37
C ALA A 436 27.64 -13.14 5.60
N LEU A 437 26.78 -13.65 4.73
CA LEU A 437 25.34 -13.51 4.93
C LEU A 437 24.92 -14.13 6.26
N GLY A 438 25.39 -15.35 6.53
CA GLY A 438 24.96 -16.03 7.74
C GLY A 438 25.44 -15.36 9.01
N ARG A 439 26.68 -14.86 9.01
CA ARG A 439 27.19 -14.17 10.20
C ARG A 439 26.41 -12.91 10.46
N VAL A 440 25.97 -12.22 9.41
CA VAL A 440 25.06 -11.09 9.58
C VAL A 440 23.73 -11.55 10.17
N LEU A 441 23.15 -12.60 9.57
CA LEU A 441 21.81 -13.04 9.99
C LEU A 441 21.82 -13.59 11.41
N LEU A 442 22.94 -14.16 11.86
CA LEU A 442 23.05 -14.68 13.20
C LEU A 442 23.36 -13.61 14.23
N ALA A 443 23.57 -12.37 13.80
CA ALA A 443 23.87 -11.24 14.70
C ALA A 443 25.07 -11.56 15.57
N LEU A 444 26.17 -11.96 14.93
CA LEU A 444 27.38 -12.34 15.64
C LEU A 444 28.08 -11.09 16.19
N PRO A 445 29.03 -11.26 17.13
CA PRO A 445 29.59 -10.08 17.82
C PRO A 445 30.27 -9.08 16.88
N GLU A 446 31.15 -9.55 16.00
CA GLU A 446 31.85 -8.64 15.11
C GLU A 446 30.89 -7.90 14.19
N VAL A 447 29.88 -8.60 13.68
CA VAL A 447 28.92 -7.98 12.78
C VAL A 447 28.14 -6.90 13.50
N ARG A 448 27.72 -7.17 14.74
CA ARG A 448 26.95 -6.19 15.49
C ARG A 448 27.77 -4.93 15.78
N ALA A 449 29.09 -5.06 15.89
CA ALA A 449 29.93 -3.91 16.18
C ALA A 449 30.23 -3.10 14.91
N ARG A 450 30.61 -3.78 13.83
CA ARG A 450 31.04 -3.10 12.62
C ARG A 450 29.91 -2.84 11.63
N GLY A 451 28.79 -3.55 11.76
CA GLY A 451 27.70 -3.38 10.83
C GLY A 451 27.85 -4.15 9.53
N TYR A 452 28.84 -5.03 9.42
CA TYR A 452 29.03 -5.84 8.23
C TYR A 452 29.86 -7.05 8.58
N ALA A 453 29.97 -7.97 7.62
CA ALA A 453 30.82 -9.15 7.77
C ALA A 453 31.52 -9.42 6.44
N LEU A 454 32.84 -9.60 6.51
CA LEU A 454 33.63 -10.04 5.37
C LEU A 454 34.15 -11.43 5.66
N VAL A 455 33.88 -12.37 4.75
CA VAL A 455 34.28 -13.76 4.95
C VAL A 455 34.89 -14.29 3.66
N ASP A 456 36.07 -14.89 3.77
CA ASP A 456 36.62 -15.68 2.67
C ASP A 456 35.98 -17.06 2.78
N GLU A 457 34.91 -17.26 2.01
CA GLU A 457 34.01 -18.39 2.24
C GLU A 457 34.51 -19.69 1.62
N GLU A 458 35.26 -19.63 0.52
CA GLU A 458 35.81 -20.81 -0.13
C GLU A 458 37.29 -20.55 -0.39
N LEU A 459 38.15 -21.19 0.40
CA LEU A 459 39.56 -20.84 0.40
C LEU A 459 40.30 -21.38 -0.81
N GLU A 460 39.99 -22.60 -1.24
CA GLU A 460 40.66 -23.17 -2.40
C GLU A 460 40.19 -22.52 -3.70
N ALA A 461 38.92 -22.10 -3.75
CA ALA A 461 38.41 -21.40 -4.93
C ALA A 461 38.64 -19.90 -4.87
N GLY A 462 38.90 -19.36 -3.69
CA GLY A 462 39.12 -17.93 -3.56
C GLY A 462 37.86 -17.09 -3.61
N LEU A 463 36.77 -17.58 -3.01
CA LEU A 463 35.50 -16.84 -3.00
C LEU A 463 35.42 -15.98 -1.74
N ARG A 464 35.20 -14.69 -1.92
CA ARG A 464 35.07 -13.72 -0.84
C ARG A 464 33.71 -13.04 -0.92
N ALA A 465 33.14 -12.72 0.23
CA ALA A 465 31.84 -12.08 0.29
C ALA A 465 31.79 -11.07 1.42
N ILE A 466 31.00 -10.02 1.22
CA ILE A 466 30.76 -8.98 2.22
CA ILE A 466 30.77 -8.96 2.19
C ILE A 466 29.26 -8.75 2.32
N ALA A 467 28.75 -8.72 3.55
CA ALA A 467 27.31 -8.64 3.77
C ALA A 467 26.97 -7.58 4.81
N VAL A 468 25.74 -7.04 4.70
CA VAL A 468 25.19 -6.08 5.65
C VAL A 468 23.76 -6.49 5.98
N PRO A 469 23.23 -6.07 7.12
CA PRO A 469 21.86 -6.43 7.48
C PRO A 469 20.82 -5.57 6.79
N VAL A 470 19.61 -6.12 6.73
CA VAL A 470 18.42 -5.41 6.26
C VAL A 470 17.40 -5.45 7.40
N ARG A 471 17.01 -4.27 7.88
CA ARG A 471 16.08 -4.17 9.00
C ARG A 471 14.73 -3.65 8.52
N ASP A 472 13.68 -4.09 9.21
CA ASP A 472 12.34 -3.59 8.94
C ASP A 472 12.12 -2.28 9.72
N ARG A 473 10.91 -1.73 9.66
CA ARG A 473 10.65 -0.45 10.30
C ARG A 473 10.78 -0.49 11.82
N THR A 474 10.75 -1.69 12.41
CA THR A 474 10.94 -1.83 13.85
C THR A 474 12.40 -1.95 14.26
N GLY A 475 13.33 -1.95 13.30
CA GLY A 475 14.73 -2.13 13.59
C GLY A 475 15.19 -3.56 13.65
N ARG A 476 14.28 -4.52 13.52
CA ARG A 476 14.63 -5.94 13.57
C ARG A 476 15.28 -6.37 12.26
N VAL A 477 16.40 -7.10 12.37
CA VAL A 477 17.05 -7.64 11.18
C VAL A 477 16.17 -8.73 10.59
N VAL A 478 15.77 -8.57 9.33
CA VAL A 478 14.90 -9.53 8.68
C VAL A 478 15.56 -10.24 7.50
N ALA A 479 16.69 -9.75 7.00
CA ALA A 479 17.38 -10.36 5.87
C ALA A 479 18.79 -9.79 5.82
N ALA A 480 19.59 -10.28 4.87
CA ALA A 480 20.95 -9.79 4.67
C ALA A 480 21.24 -9.63 3.18
N LEU A 481 21.99 -8.60 2.85
CA LEU A 481 22.44 -8.33 1.48
C LEU A 481 23.94 -8.53 1.41
N ASN A 482 24.41 -9.17 0.34
CA ASN A 482 25.84 -9.39 0.19
C ASN A 482 26.30 -9.09 -1.24
N VAL A 483 27.61 -8.94 -1.37
CA VAL A 483 28.31 -8.94 -2.66
C VAL A 483 29.36 -10.03 -2.61
N ALA A 484 29.34 -10.91 -3.59
CA ALA A 484 30.28 -12.03 -3.67
C ALA A 484 31.20 -11.85 -4.86
N LEU A 485 32.47 -12.19 -4.67
CA LEU A 485 33.46 -12.02 -5.72
C LEU A 485 34.64 -12.95 -5.44
N HIS A 486 35.52 -13.08 -6.43
CA HIS A 486 36.75 -13.83 -6.26
C HIS A 486 37.82 -12.93 -5.65
N ALA A 487 38.54 -13.46 -4.67
CA ALA A 487 39.51 -12.66 -3.91
C ALA A 487 40.53 -12.02 -4.84
N ALA A 488 41.14 -12.81 -5.71
CA ALA A 488 42.09 -12.33 -6.73
C ALA A 488 43.22 -11.58 -6.01
N ARG A 489 43.68 -10.44 -6.55
CA ARG A 489 44.67 -9.62 -5.87
C ARG A 489 44.04 -8.59 -4.95
N ARG A 490 42.79 -8.21 -5.21
CA ARG A 490 42.04 -7.24 -4.42
C ARG A 490 42.08 -7.59 -2.94
N THR A 491 42.73 -6.75 -2.13
CA THR A 491 42.87 -7.04 -0.71
C THR A 491 41.53 -6.83 0.00
N ALA A 492 41.48 -7.28 1.25
CA ALA A 492 40.25 -7.16 2.04
C ALA A 492 39.91 -5.70 2.29
N ASP A 493 40.92 -4.88 2.64
CA ASP A 493 40.68 -3.45 2.81
C ASP A 493 40.21 -2.81 1.50
N ASP A 494 40.64 -3.35 0.36
CA ASP A 494 40.21 -2.83 -0.92
C ASP A 494 38.74 -3.15 -1.17
N CYS A 495 38.33 -4.39 -0.89
CA CYS A 495 36.93 -4.75 -1.05
C CYS A 495 36.04 -3.93 -0.14
N VAL A 496 36.45 -3.73 1.11
CA VAL A 496 35.65 -2.95 2.05
C VAL A 496 35.58 -1.49 1.61
N ALA A 497 36.71 -0.91 1.20
CA ALA A 497 36.73 0.50 0.83
C ALA A 497 35.85 0.77 -0.39
N GLN A 498 35.79 -0.17 -1.32
CA GLN A 498 35.12 0.05 -2.60
C GLN A 498 33.71 -0.55 -2.65
N ILE A 499 33.49 -1.71 -2.05
CA ILE A 499 32.20 -2.39 -2.16
C ILE A 499 31.24 -1.97 -1.04
N LEU A 500 31.74 -1.92 0.20
CA LEU A 500 30.86 -1.65 1.33
C LEU A 500 30.06 -0.36 1.22
N PRO A 501 30.60 0.77 0.72
CA PRO A 501 29.74 1.94 0.53
C PRO A 501 28.59 1.70 -0.42
N GLU A 502 28.80 0.96 -1.50
CA GLU A 502 27.71 0.66 -2.43
C GLU A 502 26.73 -0.32 -1.80
N LEU A 503 27.23 -1.28 -1.03
CA LEU A 503 26.36 -2.23 -0.35
C LEU A 503 25.49 -1.53 0.68
N ARG A 504 26.05 -0.59 1.44
CA ARG A 504 25.26 0.15 2.42
C ARG A 504 24.22 1.03 1.75
N HIS A 505 24.58 1.62 0.60
CA HIS A 505 23.61 2.44 -0.14
C HIS A 505 22.43 1.60 -0.61
N THR A 506 22.71 0.41 -1.14
CA THR A 506 21.63 -0.48 -1.59
C THR A 506 20.76 -0.91 -0.43
N ALA A 507 21.38 -1.23 0.72
CA ALA A 507 20.61 -1.59 1.90
C ALA A 507 19.72 -0.43 2.36
N ASP A 508 20.22 0.81 2.27
CA ASP A 508 19.41 1.97 2.64
CA ASP A 508 19.42 1.97 2.64
C ASP A 508 18.18 2.07 1.75
N LEU A 509 18.35 1.89 0.44
CA LEU A 509 17.21 1.98 -0.47
C LEU A 509 16.18 0.91 -0.17
N VAL A 510 16.63 -0.32 0.11
CA VAL A 510 15.71 -1.41 0.39
C VAL A 510 14.99 -1.18 1.70
N GLU A 511 15.71 -0.72 2.73
CA GLU A 511 15.09 -0.49 4.03
C GLU A 511 14.06 0.62 3.96
N THR A 512 14.33 1.66 3.17
CA THR A 512 13.37 2.75 3.03
C THR A 512 12.07 2.26 2.41
N GLU A 513 12.16 1.48 1.33
CA GLU A 513 10.95 0.95 0.72
C GLU A 513 10.26 -0.06 1.63
N LEU A 514 11.05 -0.90 2.30
CA LEU A 514 10.48 -1.81 3.29
C LEU A 514 9.80 -1.06 4.43
N ARG A 515 10.37 0.09 4.81
CA ARG A 515 9.78 0.88 5.88
C ARG A 515 8.39 1.39 5.49
N VAL A 516 8.27 1.96 4.29
CA VAL A 516 7.00 2.51 3.83
C VAL A 516 5.99 1.39 3.58
N ALA A 517 6.41 0.33 2.89
CA ALA A 517 5.49 -0.75 2.56
C ALA A 517 4.98 -1.44 3.83
N GLY A 518 5.85 -1.62 4.81
CA GLY A 518 5.48 -2.34 6.01
C GLY A 518 4.75 -1.55 7.08
N ARG A 519 4.39 -0.29 6.81
CA ARG A 519 3.72 0.49 7.84
C ARG A 519 2.35 -0.09 8.17
N PHE A 520 1.58 -0.46 7.15
CA PHE A 520 0.25 -1.03 7.35
C PHE A 520 0.09 -2.40 6.68
N CYS A 521 1.14 -2.94 6.08
CA CYS A 521 1.06 -4.21 5.39
C CYS A 521 2.11 -5.17 5.93
N ARG A 522 1.77 -6.45 5.96
CA ARG A 522 2.69 -7.50 6.37
C ARG A 522 3.52 -7.90 5.16
N VAL A 523 4.81 -7.56 5.19
CA VAL A 523 5.70 -7.81 4.06
C VAL A 523 6.43 -9.13 4.29
N ALA A 524 6.17 -10.11 3.43
CA ALA A 524 6.84 -11.39 3.53
C ALA A 524 8.32 -11.26 3.18
N VAL A 525 9.15 -12.05 3.88
CA VAL A 525 10.59 -12.05 3.66
C VAL A 525 11.04 -13.13 2.69
N VAL A 526 10.12 -13.98 2.22
CA VAL A 526 10.44 -15.00 1.23
C VAL A 526 9.49 -14.86 0.04
#